data_7KV6
#
_entry.id   7KV6
#
_cell.length_a   59.980
_cell.length_b   77.222
_cell.length_c   148.379
_cell.angle_alpha   90.000
_cell.angle_beta   90.000
_cell.angle_gamma   90.000
#
_symmetry.space_group_name_H-M   'I 2 2 2'
#
loop_
_entity.id
_entity.type
_entity.pdbx_description
1 polymer 'PKD domain protein'
2 branched beta-D-glucopyranose-(1-4)-beta-D-glucopyranose-(1-3)-beta-D-glucopyranose
3 non-polymer GUANIDINE
4 water water
#
_entity_poly.entity_id   1
_entity_poly.type   'polypeptide(L)'
_entity_poly.pdbx_seq_one_letter_code
;MKNIFKIGLFALVTAFAMTSCDPQDGDDHSLGVKPQESQLSFTATPGSNPNVVTLKNTSSLKGLVVTWDLGNGVTAKGEE
VVASYPFANTYTIAMTAYNTGGSTTITQTITIANNDESQIEPKAIILAGGLTGSKTWVFDRAHDGHFGVGPGAGNPDYNG
TPSWWSCPAEGKAECALYENEFSFHLDGGYNMTWVNKGKIYTNGAGKDKLPGVATVPGAGDFDVEYIPKEAYTFTVDGDK
LKLSDDAFFGHFAGTSTYTIKTLNENELYLECSSAVESGNGWWYRFVPKK
;
_entity_poly.pdbx_strand_id   AAA
#
loop_
_chem_comp.id
_chem_comp.type
_chem_comp.name
_chem_comp.formula
BGC D-saccharide, beta linking beta-D-glucopyranose 'C6 H12 O6'
GAI non-polymer GUANIDINE 'C H5 N3'
#
# COMPACT_ATOMS: atom_id res chain seq x y z
N LYS A 34 -10.81 33.60 26.52
CA LYS A 34 -10.65 32.23 25.90
C LYS A 34 -11.51 31.24 26.68
N PRO A 35 -12.27 30.34 26.01
CA PRO A 35 -12.96 29.26 26.71
C PRO A 35 -12.06 28.43 27.64
N GLN A 36 -12.62 27.94 28.73
CA GLN A 36 -11.90 27.12 29.74
C GLN A 36 -12.12 25.64 29.39
N GLU A 37 -11.07 24.81 29.34
CA GLU A 37 -11.19 23.37 28.96
C GLU A 37 -12.42 22.76 29.67
N SER A 38 -12.76 23.24 30.89
CA SER A 38 -13.95 22.88 31.73
C SER A 38 -15.29 23.25 31.06
N GLN A 39 -15.38 24.34 30.32
CA GLN A 39 -16.62 24.80 29.64
C GLN A 39 -16.98 23.92 28.42
N LEU A 40 -16.03 23.16 27.89
CA LEU A 40 -16.16 22.61 26.51
C LEU A 40 -16.51 21.13 26.62
N SER A 41 -17.42 20.69 25.75
CA SER A 41 -17.69 19.25 25.63
C SER A 41 -18.22 18.93 24.22
N PHE A 42 -18.12 17.66 23.82
CA PHE A 42 -18.76 17.15 22.59
C PHE A 42 -19.09 15.66 22.79
N THR A 43 -20.01 15.19 21.95
CA THR A 43 -20.35 13.76 21.82
C THR A 43 -19.86 13.27 20.47
N ALA A 44 -19.41 12.03 20.47
CA ALA A 44 -19.01 11.31 19.24
C ALA A 44 -19.89 10.07 19.18
N THR A 45 -20.89 10.09 18.30
CA THR A 45 -21.92 9.04 18.27
C THR A 45 -21.78 8.23 16.99
N PRO A 46 -21.43 6.93 17.09
CA PRO A 46 -21.41 6.04 15.93
C PRO A 46 -22.81 5.80 15.37
N GLY A 47 -22.99 5.82 14.06
CA GLY A 47 -24.31 5.61 13.42
C GLY A 47 -24.61 4.14 13.20
N SER A 48 -25.68 3.85 12.47
CA SER A 48 -26.02 2.43 12.14
C SER A 48 -24.85 1.80 11.40
N ASN A 49 -24.12 2.60 10.58
CA ASN A 49 -22.73 2.30 10.13
C ASN A 49 -21.82 2.88 11.21
N PRO A 50 -21.22 2.08 12.09
CA PRO A 50 -20.46 2.63 13.21
C PRO A 50 -19.12 3.24 12.75
N ASN A 51 -18.76 3.06 11.49
CA ASN A 51 -17.55 3.72 10.95
C ASN A 51 -17.87 5.16 10.57
N VAL A 52 -19.13 5.57 10.65
CA VAL A 52 -19.53 6.96 10.37
C VAL A 52 -20.05 7.55 11.67
N VAL A 53 -19.36 8.59 12.13
CA VAL A 53 -19.51 9.10 13.52
C VAL A 53 -19.97 10.54 13.46
N THR A 54 -21.00 10.88 14.23
CA THR A 54 -21.52 12.24 14.30
C THR A 54 -20.88 12.95 15.50
N LEU A 55 -20.26 14.10 15.22
CA LEU A 55 -19.53 14.89 16.24
C LEU A 55 -20.43 16.09 16.55
N LYS A 56 -20.84 16.22 17.82
CA LYS A 56 -21.75 17.33 18.18
C LYS A 56 -21.20 18.12 19.36
N ASN A 57 -21.09 19.43 19.17
CA ASN A 57 -20.70 20.39 20.23
C ASN A 57 -21.79 20.39 21.32
N THR A 58 -21.41 20.08 22.56
CA THR A 58 -22.34 20.06 23.74
C THR A 58 -21.85 21.06 24.81
N SER A 59 -21.08 22.06 24.42
CA SER A 59 -20.34 22.94 25.36
C SER A 59 -21.30 23.75 26.23
N SER A 60 -20.83 24.13 27.43
CA SER A 60 -21.62 24.95 28.40
C SER A 60 -21.73 26.43 27.97
N LEU A 61 -20.97 26.91 26.97
CA LEU A 61 -21.04 28.30 26.42
C LEU A 61 -21.80 28.29 25.09
N LYS A 62 -22.64 29.29 24.79
CA LYS A 62 -23.57 29.29 23.61
C LYS A 62 -22.99 30.08 22.42
N GLY A 63 -23.34 29.63 21.19
CA GLY A 63 -22.89 30.21 19.91
C GLY A 63 -21.39 30.48 19.87
N LEU A 64 -20.56 29.56 20.35
CA LEU A 64 -19.11 29.49 20.01
C LEU A 64 -19.00 29.21 18.50
N VAL A 65 -17.85 29.46 17.86
CA VAL A 65 -17.54 28.89 16.51
C VAL A 65 -16.70 27.64 16.77
N VAL A 66 -17.10 26.45 16.32
CA VAL A 66 -16.26 25.24 16.62
C VAL A 66 -15.74 24.66 15.31
N THR A 67 -14.47 24.29 15.34
CA THR A 67 -13.77 23.55 14.27
C THR A 67 -13.32 22.21 14.84
N TRP A 68 -13.10 21.26 13.94
CA TRP A 68 -12.78 19.89 14.33
C TRP A 68 -11.58 19.41 13.53
N ASP A 69 -10.75 18.66 14.23
CA ASP A 69 -9.78 17.73 13.63
C ASP A 69 -10.35 16.33 13.83
N LEU A 70 -10.77 15.68 12.74
CA LEU A 70 -11.41 14.36 12.89
C LEU A 70 -10.42 13.22 13.08
N GLY A 71 -9.10 13.46 13.05
CA GLY A 71 -8.10 12.42 13.36
C GLY A 71 -7.83 11.54 12.15
N ASN A 72 -8.44 11.85 11.00
CA ASN A 72 -8.38 10.98 9.78
C ASN A 72 -7.86 11.79 8.60
N GLY A 73 -7.25 12.95 8.86
CA GLY A 73 -6.77 13.91 7.85
C GLY A 73 -7.80 14.97 7.48
N VAL A 74 -9.01 14.93 8.02
CA VAL A 74 -10.12 15.85 7.60
C VAL A 74 -10.32 16.82 8.76
N THR A 75 -10.56 18.09 8.43
CA THR A 75 -10.97 19.14 9.40
C THR A 75 -12.33 19.65 8.96
N ALA A 76 -13.11 20.16 9.90
CA ALA A 76 -14.49 20.56 9.62
C ALA A 76 -14.84 21.75 10.53
N LYS A 77 -15.85 22.50 10.13
CA LYS A 77 -16.42 23.60 10.93
C LYS A 77 -17.95 23.49 10.90
N GLY A 78 -18.56 23.61 12.09
CA GLY A 78 -20.01 23.42 12.27
C GLY A 78 -20.29 22.87 13.65
N GLU A 79 -21.52 23.08 14.13
CA GLU A 79 -21.94 22.61 15.47
C GLU A 79 -21.99 21.08 15.45
N GLU A 80 -22.41 20.52 14.31
CA GLU A 80 -22.57 19.05 14.20
C GLU A 80 -22.04 18.63 12.82
N VAL A 81 -21.06 17.76 12.83
CA VAL A 81 -20.38 17.29 11.59
C VAL A 81 -20.30 15.79 11.63
N VAL A 82 -20.06 15.18 10.48
CA VAL A 82 -19.90 13.72 10.38
C VAL A 82 -18.50 13.38 9.89
N ALA A 83 -17.92 12.34 10.47
CA ALA A 83 -16.57 11.83 10.19
C ALA A 83 -16.74 10.39 9.73
N SER A 84 -15.92 9.95 8.80
CA SER A 84 -15.95 8.56 8.31
C SER A 84 -14.55 7.96 8.45
N TYR A 85 -14.47 6.73 8.94
CA TYR A 85 -13.21 6.04 9.21
C TYR A 85 -13.27 4.68 8.52
N PRO A 86 -12.67 4.52 7.32
CA PRO A 86 -12.69 3.23 6.65
C PRO A 86 -12.08 2.13 7.53
N PHE A 87 -11.00 2.46 8.23
CA PHE A 87 -10.16 1.44 8.91
C PHE A 87 -10.41 1.39 10.42
N ALA A 88 -10.55 0.18 10.95
CA ALA A 88 -10.55 -0.08 12.42
C ALA A 88 -9.26 0.50 12.97
N ASN A 89 -9.40 1.36 13.97
CA ASN A 89 -8.25 1.90 14.72
C ASN A 89 -8.80 2.72 15.90
N THR A 90 -7.92 3.25 16.74
CA THR A 90 -8.28 4.40 17.62
C THR A 90 -7.86 5.71 16.96
N TYR A 91 -8.69 6.70 17.10
CA TYR A 91 -8.52 8.02 16.47
C TYR A 91 -8.69 9.05 17.58
N THR A 92 -8.00 10.17 17.43
CA THR A 92 -8.10 11.33 18.32
C THR A 92 -8.91 12.39 17.60
N ILE A 93 -10.00 12.83 18.22
CA ILE A 93 -10.84 13.92 17.67
C ILE A 93 -10.53 15.16 18.51
N ALA A 94 -10.34 16.31 17.87
CA ALA A 94 -10.08 17.59 18.55
C ALA A 94 -11.13 18.61 18.14
N MET A 95 -11.81 19.17 19.15
CA MET A 95 -12.73 20.29 18.94
C MET A 95 -12.07 21.55 19.48
N THR A 96 -12.02 22.58 18.65
CA THR A 96 -11.47 23.91 18.99
C THR A 96 -12.63 24.90 18.98
N ALA A 97 -12.91 25.53 20.12
CA ALA A 97 -13.95 26.58 20.24
C ALA A 97 -13.26 27.96 20.15
N TYR A 98 -13.89 28.90 19.48
CA TYR A 98 -13.42 30.30 19.27
C TYR A 98 -14.44 31.29 19.85
N ASN A 99 -14.00 32.20 20.73
CA ASN A 99 -14.75 33.41 21.19
C ASN A 99 -13.97 34.69 20.83
CA GLY A 102 -9.60 33.21 22.38
C GLY A 102 -10.01 31.92 21.68
N SER A 103 -9.07 30.98 21.49
CA SER A 103 -9.28 29.60 20.95
C SER A 103 -8.91 28.61 22.07
N THR A 104 -9.74 27.58 22.29
CA THR A 104 -9.44 26.47 23.21
C THR A 104 -9.84 25.13 22.57
N THR A 105 -9.06 24.09 22.87
CA THR A 105 -9.11 22.78 22.19
C THR A 105 -9.24 21.71 23.24
N ILE A 106 -10.22 20.81 23.07
CA ILE A 106 -10.33 19.57 23.86
C ILE A 106 -10.30 18.38 22.87
N THR A 107 -9.97 17.21 23.39
CA THR A 107 -9.86 15.98 22.57
C THR A 107 -10.58 14.84 23.27
N GLN A 108 -10.98 13.85 22.48
CA GLN A 108 -11.31 12.49 22.96
C GLN A 108 -10.71 11.51 21.97
N THR A 109 -10.57 10.27 22.39
CA THR A 109 -10.23 9.12 21.52
C THR A 109 -11.53 8.41 21.24
N ILE A 110 -11.63 7.85 20.03
CA ILE A 110 -12.70 6.87 19.69
C ILE A 110 -12.01 5.65 19.16
N THR A 111 -12.64 4.52 19.39
CA THR A 111 -12.24 3.23 18.82
C THR A 111 -13.24 2.86 17.73
N ILE A 112 -12.73 2.70 16.52
CA ILE A 112 -13.49 2.11 15.40
C ILE A 112 -13.16 0.62 15.37
N ALA A 113 -14.18 -0.26 15.45
CA ALA A 113 -13.99 -1.69 15.78
C ALA A 113 -13.63 -2.52 14.54
N ASN A 114 -14.18 -2.23 13.36
CA ASN A 114 -14.03 -3.10 12.18
C ASN A 114 -13.82 -2.25 10.93
N ASN A 115 -13.00 -2.75 10.01
CA ASN A 115 -12.87 -2.22 8.64
C ASN A 115 -14.24 -2.21 7.96
N ASP A 116 -14.53 -1.16 7.23
CA ASP A 116 -15.78 -0.96 6.44
C ASP A 116 -15.47 -1.20 4.97
N GLU A 117 -15.82 -2.38 4.46
CA GLU A 117 -15.62 -2.77 3.04
C GLU A 117 -16.17 -1.69 2.07
N SER A 118 -17.23 -0.99 2.44
CA SER A 118 -17.87 0.03 1.55
C SER A 118 -16.93 1.21 1.32
N GLN A 119 -15.89 1.39 2.13
CA GLN A 119 -15.01 2.58 1.97
C GLN A 119 -13.56 2.18 1.68
N ILE A 120 -13.33 0.92 1.33
CA ILE A 120 -11.97 0.36 1.08
C ILE A 120 -11.88 -0.11 -0.38
N GLU A 121 -10.74 0.18 -1.01
CA GLU A 121 -10.50 -0.27 -2.40
C GLU A 121 -10.68 -1.77 -2.54
N PRO A 122 -11.58 -2.24 -3.42
CA PRO A 122 -11.80 -3.67 -3.58
C PRO A 122 -10.56 -4.51 -3.89
N LYS A 123 -9.67 -4.01 -4.72
CA LYS A 123 -8.44 -4.78 -5.10
C LYS A 123 -7.54 -4.95 -3.86
N ALA A 124 -7.52 -3.96 -2.97
CA ALA A 124 -6.73 -4.06 -1.71
C ALA A 124 -7.25 -5.25 -0.91
N ILE A 125 -8.56 -5.46 -0.90
CA ILE A 125 -9.13 -6.58 -0.10
C ILE A 125 -8.72 -7.93 -0.73
N ILE A 126 -8.64 -8.01 -2.05
CA ILE A 126 -8.15 -9.24 -2.72
C ILE A 126 -6.67 -9.44 -2.35
N LEU A 127 -5.88 -8.37 -2.40
CA LEU A 127 -4.44 -8.49 -2.09
C LEU A 127 -4.24 -8.98 -0.66
N ALA A 128 -5.06 -8.51 0.29
CA ALA A 128 -4.94 -8.84 1.71
C ALA A 128 -5.67 -10.16 2.09
N GLY A 129 -6.43 -10.73 1.15
CA GLY A 129 -7.15 -12.00 1.36
C GLY A 129 -8.39 -11.75 2.21
N GLY A 130 -8.78 -10.49 2.40
CA GLY A 130 -9.95 -10.16 3.23
C GLY A 130 -9.75 -8.93 4.05
N LEU A 131 -10.73 -8.57 4.88
CA LEU A 131 -10.71 -7.32 5.68
C LEU A 131 -9.90 -7.51 6.93
N THR A 132 -9.70 -8.74 7.37
CA THR A 132 -8.80 -9.07 8.49
C THR A 132 -7.72 -10.04 7.99
N GLY A 133 -6.71 -10.22 8.80
CA GLY A 133 -5.64 -11.15 8.48
C GLY A 133 -4.74 -10.55 7.41
N SER A 134 -3.93 -11.41 6.84
CA SER A 134 -2.92 -10.97 5.86
C SER A 134 -2.82 -12.08 4.80
N LYS A 135 -2.25 -11.72 3.66
CA LYS A 135 -2.11 -12.72 2.61
C LYS A 135 -0.74 -12.48 1.99
N THR A 136 0.04 -13.56 1.91
CA THR A 136 1.44 -13.50 1.43
C THR A 136 1.44 -13.98 -0.02
N TRP A 137 2.17 -13.25 -0.87
CA TRP A 137 2.29 -13.56 -2.30
C TRP A 137 3.76 -13.80 -2.61
N VAL A 138 3.99 -14.77 -3.48
CA VAL A 138 5.35 -15.22 -3.88
C VAL A 138 5.38 -15.44 -5.38
N PHE A 139 6.56 -15.37 -5.98
CA PHE A 139 6.67 -15.68 -7.42
C PHE A 139 6.06 -17.04 -7.72
N ASP A 140 5.37 -17.13 -8.85
CA ASP A 140 4.79 -18.36 -9.42
C ASP A 140 5.93 -19.18 -10.05
N ARG A 141 6.91 -19.58 -9.26
CA ARG A 141 8.19 -20.20 -9.75
C ARG A 141 7.91 -21.54 -10.42
N ALA A 142 6.80 -22.21 -10.09
CA ALA A 142 6.57 -23.58 -10.61
C ALA A 142 5.99 -23.55 -12.03
N HIS A 143 5.65 -22.39 -12.58
CA HIS A 143 5.04 -22.27 -13.92
C HIS A 143 5.84 -21.33 -14.82
N ASP A 144 5.83 -21.61 -16.12
CA ASP A 144 6.50 -20.73 -17.11
C ASP A 144 5.83 -19.38 -17.04
N GLY A 145 6.61 -18.34 -17.26
CA GLY A 145 6.13 -16.96 -17.54
C GLY A 145 5.90 -16.15 -16.28
N HIS A 146 6.55 -16.49 -15.16
CA HIS A 146 6.33 -15.80 -13.86
C HIS A 146 7.24 -14.58 -13.74
N PHE A 147 8.12 -14.42 -14.72
CA PHE A 147 9.06 -13.28 -14.79
C PHE A 147 9.44 -13.18 -16.26
N GLY A 148 9.49 -11.98 -16.80
CA GLY A 148 9.85 -11.86 -18.22
C GLY A 148 10.09 -10.43 -18.58
N VAL A 149 10.64 -10.24 -19.77
CA VAL A 149 11.00 -8.89 -20.27
C VAL A 149 10.60 -8.78 -21.75
N GLY A 150 10.19 -7.60 -22.13
CA GLY A 150 9.77 -7.33 -23.51
C GLY A 150 9.67 -5.84 -23.70
N PRO A 151 9.30 -5.39 -24.92
CA PRO A 151 9.03 -4.00 -25.15
C PRO A 151 7.99 -3.53 -24.15
N GLY A 152 8.26 -2.43 -23.45
CA GLY A 152 7.35 -1.86 -22.44
C GLY A 152 6.18 -1.08 -23.06
N ALA A 153 5.23 -0.65 -22.23
CA ALA A 153 3.99 -0.06 -22.78
C ALA A 153 4.25 1.26 -23.51
N GLY A 154 5.32 2.02 -23.26
CA GLY A 154 5.57 3.23 -24.08
C GLY A 154 6.36 2.96 -25.37
N ASN A 155 6.82 1.74 -25.56
CA ASN A 155 7.71 1.33 -26.68
C ASN A 155 6.84 1.10 -27.92
N PRO A 156 7.25 1.58 -29.12
CA PRO A 156 6.47 1.28 -30.33
C PRO A 156 6.28 -0.20 -30.63
N ASP A 157 7.11 -1.07 -30.08
CA ASP A 157 7.07 -2.54 -30.33
C ASP A 157 6.21 -3.24 -29.27
N TYR A 158 5.56 -2.51 -28.37
CA TYR A 158 4.74 -3.10 -27.27
C TYR A 158 3.73 -4.05 -27.91
N ASN A 159 3.61 -5.25 -27.36
CA ASN A 159 2.59 -6.23 -27.81
C ASN A 159 1.87 -6.81 -26.60
N GLY A 160 2.14 -6.31 -25.41
CA GLY A 160 1.45 -6.72 -24.17
C GLY A 160 2.06 -7.96 -23.53
N THR A 161 3.19 -8.44 -24.01
CA THR A 161 3.79 -9.73 -23.56
C THR A 161 5.30 -9.57 -23.40
N PRO A 162 5.93 -10.37 -22.51
CA PRO A 162 7.40 -10.41 -22.39
C PRO A 162 8.01 -11.20 -23.55
N SER A 163 8.00 -10.60 -24.73
CA SER A 163 8.34 -11.24 -26.02
C SER A 163 9.84 -11.35 -26.23
N TRP A 164 10.70 -10.70 -25.44
CA TRP A 164 12.15 -10.89 -25.57
C TRP A 164 12.57 -12.14 -24.83
N TRP A 165 12.03 -12.38 -23.63
CA TRP A 165 12.46 -13.51 -22.77
C TRP A 165 11.37 -13.73 -21.74
N SER A 166 10.98 -14.97 -21.61
CA SER A 166 9.95 -15.38 -20.62
C SER A 166 10.54 -16.50 -19.77
N CYS A 167 10.56 -16.30 -18.47
CA CYS A 167 11.24 -17.25 -17.56
C CYS A 167 10.52 -18.59 -17.57
N PRO A 168 11.21 -19.70 -17.90
CA PRO A 168 10.65 -21.04 -17.67
C PRO A 168 10.52 -21.32 -16.16
N ALA A 169 9.64 -22.24 -15.79
CA ALA A 169 9.47 -22.71 -14.39
C ALA A 169 10.86 -22.92 -13.79
N GLU A 170 11.10 -22.34 -12.61
CA GLU A 170 12.32 -22.47 -11.77
C GLU A 170 13.57 -21.87 -12.43
N GLY A 171 13.38 -21.06 -13.46
CA GLY A 171 14.51 -20.49 -14.22
C GLY A 171 15.37 -19.56 -13.38
N LYS A 172 14.84 -18.91 -12.34
CA LYS A 172 15.64 -18.01 -11.50
C LYS A 172 15.74 -18.59 -10.08
N ALA A 173 15.73 -19.91 -9.96
CA ALA A 173 16.01 -20.57 -8.67
C ALA A 173 17.38 -20.13 -8.12
N GLU A 174 18.40 -19.99 -8.98
CA GLU A 174 19.77 -19.71 -8.49
C GLU A 174 20.06 -18.21 -8.44
N CYS A 175 19.22 -17.48 -7.72
CA CYS A 175 19.49 -16.09 -7.30
C CYS A 175 18.54 -15.73 -6.17
N ALA A 176 18.57 -14.49 -5.75
CA ALA A 176 17.73 -14.00 -4.63
C ALA A 176 16.25 -13.74 -5.03
N LEU A 177 15.88 -13.86 -6.31
CA LEU A 177 14.57 -13.30 -6.74
C LEU A 177 13.40 -13.94 -5.94
N TYR A 178 13.38 -15.25 -5.87
CA TYR A 178 12.21 -15.93 -5.27
C TYR A 178 12.19 -15.81 -3.74
N GLU A 179 13.24 -15.33 -3.09
CA GLU A 179 13.29 -15.16 -1.63
C GLU A 179 12.44 -13.96 -1.19
N ASN A 180 12.01 -13.11 -2.14
CA ASN A 180 11.27 -11.86 -1.87
C ASN A 180 9.76 -12.17 -1.87
N GLU A 181 9.15 -11.98 -0.70
CA GLU A 181 7.74 -12.33 -0.44
C GLU A 181 7.02 -11.10 0.09
N PHE A 182 5.78 -10.93 -0.37
CA PHE A 182 5.02 -9.70 -0.10
C PHE A 182 3.68 -10.06 0.59
N SER A 183 3.47 -9.47 1.73
CA SER A 183 2.27 -9.68 2.58
C SER A 183 1.43 -8.41 2.60
N PHE A 184 0.14 -8.51 2.31
CA PHE A 184 -0.76 -7.34 2.33
C PHE A 184 -1.74 -7.53 3.49
N HIS A 185 -2.08 -6.44 4.15
CA HIS A 185 -2.93 -6.50 5.36
C HIS A 185 -3.56 -5.17 5.63
N LEU A 186 -4.84 -5.17 5.99
CA LEU A 186 -5.57 -3.89 6.15
C LEU A 186 -5.67 -3.56 7.65
N ASP A 187 -4.55 -3.63 8.36
CA ASP A 187 -4.47 -3.37 9.82
C ASP A 187 -4.18 -1.88 10.01
N GLY A 188 -5.19 -1.04 9.84
CA GLY A 188 -5.10 0.41 10.11
C GLY A 188 -4.96 1.23 8.83
N GLY A 189 -4.70 0.57 7.73
CA GLY A 189 -4.48 1.22 6.43
C GLY A 189 -4.10 0.21 5.38
N TYR A 190 -3.69 0.69 4.21
CA TYR A 190 -3.31 -0.14 3.07
C TYR A 190 -1.84 -0.56 3.29
N ASN A 191 -1.65 -1.61 4.07
CA ASN A 191 -0.31 -1.98 4.59
C ASN A 191 0.28 -3.18 3.85
N MET A 192 1.62 -3.16 3.73
N MET A 192 1.61 -3.12 3.68
CA MET A 192 2.37 -4.24 3.08
CA MET A 192 2.40 -4.20 3.07
C MET A 192 3.65 -4.48 3.87
C MET A 192 3.63 -4.48 3.94
N THR A 193 3.99 -5.75 4.01
CA THR A 193 5.23 -6.26 4.61
C THR A 193 6.04 -6.96 3.53
N TRP A 194 7.31 -6.59 3.39
CA TRP A 194 8.23 -7.22 2.41
C TRP A 194 9.31 -7.98 3.18
N VAL A 195 9.37 -9.26 2.98
CA VAL A 195 10.37 -10.15 3.60
C VAL A 195 11.32 -10.63 2.49
N ASN A 196 12.59 -10.70 2.82
CA ASN A 196 13.52 -11.42 1.95
C ASN A 196 14.62 -12.03 2.82
N LYS A 197 15.69 -12.48 2.18
CA LYS A 197 16.86 -13.02 2.93
C LYS A 197 18.05 -12.08 2.71
N GLY A 198 17.78 -10.79 2.52
CA GLY A 198 18.74 -9.68 2.55
C GLY A 198 19.20 -9.24 1.16
N LYS A 199 18.72 -9.88 0.11
CA LYS A 199 19.05 -9.57 -1.29
C LYS A 199 17.83 -9.45 -2.21
N ILE A 200 18.01 -8.59 -3.18
CA ILE A 200 17.09 -8.44 -4.34
C ILE A 200 17.83 -8.81 -5.62
N TYR A 201 17.10 -9.02 -6.71
CA TYR A 201 17.66 -9.39 -8.02
C TYR A 201 17.52 -8.21 -8.99
N THR A 202 18.55 -8.00 -9.83
CA THR A 202 18.53 -6.86 -10.77
C THR A 202 19.61 -7.12 -11.82
N ASN A 203 19.72 -6.21 -12.77
CA ASN A 203 20.74 -6.35 -13.84
C ASN A 203 21.73 -5.23 -13.64
N GLY A 204 22.67 -5.08 -14.57
CA GLY A 204 23.72 -4.06 -14.45
C GLY A 204 23.18 -2.66 -14.35
N ALA A 205 22.17 -2.33 -15.17
CA ALA A 205 21.53 -1.01 -15.11
C ALA A 205 20.92 -0.74 -13.74
N GLY A 206 20.31 -1.78 -13.13
CA GLY A 206 19.70 -1.60 -11.81
C GLY A 206 20.75 -1.50 -10.70
N LYS A 207 21.77 -2.34 -10.75
CA LYS A 207 22.86 -2.46 -9.72
C LYS A 207 23.49 -1.07 -9.56
N ASP A 208 23.63 -0.33 -10.68
CA ASP A 208 24.30 0.99 -10.71
C ASP A 208 23.52 2.03 -9.92
N LYS A 209 22.24 1.80 -9.61
CA LYS A 209 21.40 2.74 -8.84
C LYS A 209 21.24 2.31 -7.38
N LEU A 210 21.82 1.19 -6.95
CA LEU A 210 21.61 0.70 -5.57
C LEU A 210 22.96 0.67 -4.86
N PRO A 211 22.99 1.00 -3.56
CA PRO A 211 24.24 1.09 -2.82
C PRO A 211 24.80 -0.24 -2.31
N GLY A 212 23.96 -1.26 -2.19
CA GLY A 212 24.36 -2.53 -1.58
C GLY A 212 25.36 -3.28 -2.43
N VAL A 213 26.12 -4.17 -1.77
CA VAL A 213 27.09 -5.03 -2.48
C VAL A 213 26.37 -5.92 -3.47
N ALA A 214 26.94 -6.05 -4.65
CA ALA A 214 26.41 -6.84 -5.76
C ALA A 214 27.26 -8.10 -5.88
N THR A 215 26.60 -9.21 -6.12
CA THR A 215 27.26 -10.49 -6.40
C THR A 215 26.63 -11.08 -7.65
N VAL A 216 27.36 -11.94 -8.37
CA VAL A 216 26.81 -12.66 -9.54
C VAL A 216 26.42 -14.05 -9.11
N PRO A 217 25.10 -14.35 -9.10
CA PRO A 217 24.65 -15.66 -8.67
C PRO A 217 24.63 -16.60 -9.88
N GLY A 218 24.28 -17.86 -9.64
CA GLY A 218 24.19 -18.91 -10.68
C GLY A 218 23.34 -18.51 -11.88
N ALA A 219 22.25 -17.79 -11.66
CA ALA A 219 21.34 -17.38 -12.75
C ALA A 219 21.89 -16.21 -13.55
N GLY A 220 23.02 -15.63 -13.17
CA GLY A 220 23.57 -14.45 -13.86
C GLY A 220 22.89 -13.18 -13.40
N ASP A 221 23.17 -12.06 -14.06
CA ASP A 221 22.81 -10.71 -13.58
C ASP A 221 23.33 -10.58 -12.16
N PHE A 222 22.62 -9.90 -11.27
CA PHE A 222 23.19 -9.49 -9.99
C PHE A 222 22.20 -9.73 -8.86
N ASP A 223 22.69 -10.31 -7.76
CA ASP A 223 22.03 -10.16 -6.44
C ASP A 223 22.61 -8.90 -5.82
N VAL A 224 21.80 -8.10 -5.17
CA VAL A 224 22.27 -6.88 -4.50
C VAL A 224 21.73 -6.91 -3.07
N GLU A 225 22.62 -6.66 -2.12
CA GLU A 225 22.16 -6.57 -0.72
C GLU A 225 21.18 -5.41 -0.61
N TYR A 226 20.03 -5.71 -0.02
CA TYR A 226 18.91 -4.74 0.06
C TYR A 226 17.95 -5.23 1.13
N ILE A 227 17.92 -4.52 2.22
CA ILE A 227 17.09 -4.93 3.37
C ILE A 227 15.80 -4.11 3.29
N PRO A 228 14.61 -4.74 3.24
CA PRO A 228 13.40 -3.93 3.21
C PRO A 228 13.17 -3.18 4.52
N LYS A 229 12.45 -2.08 4.43
CA LYS A 229 11.92 -1.36 5.61
C LYS A 229 10.99 -2.32 6.35
N GLU A 230 10.77 -2.04 7.63
CA GLU A 230 9.94 -2.93 8.49
C GLU A 230 8.47 -2.84 8.07
N ALA A 231 8.06 -1.74 7.45
CA ALA A 231 6.65 -1.49 7.10
C ALA A 231 6.55 -0.63 5.83
N TYR A 232 5.56 -0.94 5.01
CA TYR A 232 5.27 -0.17 3.78
C TYR A 232 3.78 0.06 3.71
N THR A 233 3.39 0.97 2.84
CA THR A 233 1.98 1.15 2.42
C THR A 233 1.89 0.99 0.92
N PHE A 234 0.68 0.86 0.40
CA PHE A 234 0.47 0.78 -1.05
C PHE A 234 -0.80 1.57 -1.39
N THR A 235 -0.94 1.92 -2.65
CA THR A 235 -2.23 2.42 -3.20
C THR A 235 -2.59 1.63 -4.43
N VAL A 236 -3.88 1.36 -4.59
CA VAL A 236 -4.47 0.84 -5.85
C VAL A 236 -5.46 1.90 -6.35
N ASP A 237 -5.20 2.41 -7.55
CA ASP A 237 -6.04 3.40 -8.27
C ASP A 237 -6.30 2.83 -9.66
N GLY A 238 -7.47 2.26 -9.92
CA GLY A 238 -7.76 1.57 -11.20
C GLY A 238 -6.86 0.36 -11.34
N ASP A 239 -5.98 0.37 -12.35
N ASP A 239 -5.98 0.33 -12.34
CA ASP A 239 -5.05 -0.76 -12.60
CA ASP A 239 -5.07 -0.83 -12.50
C ASP A 239 -3.64 -0.40 -12.13
C ASP A 239 -3.63 -0.41 -12.10
N LYS A 240 -3.45 0.76 -11.47
CA LYS A 240 -2.13 1.20 -10.96
C LYS A 240 -1.92 0.75 -9.50
N LEU A 241 -0.90 -0.05 -9.25
CA LEU A 241 -0.45 -0.40 -7.87
C LEU A 241 0.88 0.29 -7.60
N LYS A 242 0.89 1.18 -6.61
CA LYS A 242 2.08 1.95 -6.20
C LYS A 242 2.52 1.50 -4.80
N LEU A 243 3.81 1.23 -4.63
CA LEU A 243 4.41 0.90 -3.32
C LEU A 243 5.10 2.13 -2.75
N SER A 244 5.03 2.32 -1.42
CA SER A 244 5.67 3.42 -0.69
C SER A 244 7.19 3.22 -0.62
N ASP A 245 7.93 4.27 -0.27
CA ASP A 245 9.33 4.13 0.25
C ASP A 245 10.20 3.41 -0.79
N ASP A 246 9.96 3.65 -2.08
CA ASP A 246 10.79 3.18 -3.20
C ASP A 246 10.86 1.64 -3.26
N ALA A 247 9.84 0.96 -2.72
CA ALA A 247 9.78 -0.51 -2.79
C ALA A 247 9.54 -1.01 -4.20
N PHE A 248 9.79 -2.28 -4.42
CA PHE A 248 9.64 -2.96 -5.72
C PHE A 248 9.44 -4.43 -5.42
N PHE A 249 8.93 -5.19 -6.37
CA PHE A 249 8.55 -6.61 -6.18
C PHE A 249 9.74 -7.56 -6.38
N GLY A 250 10.83 -7.32 -5.63
CA GLY A 250 11.96 -8.24 -5.51
C GLY A 250 12.98 -8.04 -6.61
N HIS A 251 12.52 -7.65 -7.79
CA HIS A 251 13.32 -7.36 -9.00
C HIS A 251 13.35 -5.85 -9.12
N PHE A 252 14.54 -5.29 -9.16
CA PHE A 252 14.72 -3.83 -9.20
C PHE A 252 14.80 -3.37 -10.65
N ALA A 253 13.89 -2.47 -11.01
CA ALA A 253 13.96 -1.76 -12.32
C ALA A 253 13.79 -0.25 -12.15
N GLY A 254 14.09 0.32 -11.00
CA GLY A 254 13.98 1.75 -10.69
C GLY A 254 12.58 2.34 -10.56
N THR A 255 11.54 1.55 -10.41
CA THR A 255 10.16 2.07 -10.27
C THR A 255 9.42 1.36 -9.13
N SER A 256 8.44 2.05 -8.58
CA SER A 256 7.55 1.50 -7.54
C SER A 256 6.11 1.41 -8.07
N THR A 257 5.90 1.72 -9.36
CA THR A 257 4.59 1.70 -10.02
C THR A 257 4.47 0.47 -10.88
N TYR A 258 3.39 -0.28 -10.67
CA TYR A 258 3.08 -1.51 -11.42
C TYR A 258 1.70 -1.33 -12.05
N THR A 259 1.49 -1.96 -13.19
CA THR A 259 0.17 -2.05 -13.84
C THR A 259 -0.35 -3.44 -13.55
N ILE A 260 -1.52 -3.52 -12.91
CA ILE A 260 -2.21 -4.81 -12.65
C ILE A 260 -2.86 -5.29 -13.94
N LYS A 261 -2.44 -6.45 -14.41
CA LYS A 261 -2.97 -7.10 -15.64
C LYS A 261 -4.00 -8.13 -15.22
N THR A 262 -3.76 -8.85 -14.14
CA THR A 262 -4.69 -9.83 -13.55
C THR A 262 -4.60 -9.72 -12.03
N LEU A 263 -5.74 -9.72 -11.35
CA LEU A 263 -5.73 -9.84 -9.88
C LEU A 263 -7.01 -10.57 -9.51
N ASN A 264 -6.83 -11.72 -8.91
CA ASN A 264 -7.94 -12.47 -8.30
C ASN A 264 -7.33 -13.24 -7.13
N GLU A 265 -8.11 -14.05 -6.42
CA GLU A 265 -7.61 -14.68 -5.19
C GLU A 265 -6.46 -15.65 -5.48
N ASN A 266 -6.21 -16.02 -6.74
CA ASN A 266 -5.20 -17.08 -7.05
C ASN A 266 -4.01 -16.52 -7.85
N GLU A 267 -4.07 -15.27 -8.26
CA GLU A 267 -3.05 -14.76 -9.20
C GLU A 267 -2.94 -13.23 -9.11
N LEU A 268 -1.69 -12.74 -9.16
CA LEU A 268 -1.42 -11.29 -9.32
C LEU A 268 -0.40 -11.15 -10.46
N TYR A 269 -0.83 -10.66 -11.60
CA TYR A 269 0.00 -10.56 -12.83
C TYR A 269 0.25 -9.08 -13.05
N LEU A 270 1.54 -8.66 -13.05
CA LEU A 270 1.96 -7.24 -13.11
C LEU A 270 2.87 -6.98 -14.30
N GLU A 271 2.73 -5.79 -14.83
CA GLU A 271 3.67 -5.19 -15.78
C GLU A 271 4.37 -4.08 -15.05
N CYS A 272 5.62 -3.82 -15.38
CA CYS A 272 6.15 -2.52 -14.99
C CYS A 272 7.08 -2.00 -16.09
N SER A 273 7.20 -0.71 -16.10
CA SER A 273 8.03 0.03 -17.09
C SER A 273 9.36 0.42 -16.44
N SER A 274 10.46 -0.08 -16.96
CA SER A 274 11.80 0.20 -16.38
C SER A 274 12.08 1.69 -16.37
N ALA A 275 12.62 2.19 -15.27
CA ALA A 275 13.12 3.57 -15.15
C ALA A 275 14.63 3.59 -15.42
N VAL A 276 15.26 2.44 -15.58
CA VAL A 276 16.74 2.43 -15.74
C VAL A 276 17.09 2.02 -17.16
N GLU A 277 16.21 1.32 -17.90
CA GLU A 277 16.43 0.90 -19.31
C GLU A 277 15.22 1.33 -20.14
N SER A 278 15.37 2.48 -20.79
CA SER A 278 14.25 3.14 -21.48
C SER A 278 13.59 2.19 -22.47
N GLY A 279 12.26 2.03 -22.35
CA GLY A 279 11.46 1.19 -23.26
C GLY A 279 11.45 -0.29 -22.94
N ASN A 280 12.16 -0.72 -21.89
CA ASN A 280 12.13 -2.13 -21.48
C ASN A 280 11.00 -2.29 -20.45
N GLY A 281 10.20 -3.32 -20.66
CA GLY A 281 9.09 -3.70 -19.76
C GLY A 281 9.38 -5.02 -19.08
N TRP A 282 8.93 -5.15 -17.84
CA TRP A 282 9.03 -6.39 -17.06
C TRP A 282 7.65 -6.89 -16.69
N TRP A 283 7.54 -8.20 -16.64
CA TRP A 283 6.32 -8.92 -16.26
C TRP A 283 6.65 -9.78 -15.06
N TYR A 284 5.69 -9.89 -14.16
CA TYR A 284 5.87 -10.68 -12.93
C TYR A 284 4.54 -11.39 -12.64
N ARG A 285 4.59 -12.65 -12.28
CA ARG A 285 3.36 -13.34 -11.82
C ARG A 285 3.61 -13.85 -10.42
N PHE A 286 2.75 -13.42 -9.50
CA PHE A 286 2.73 -13.86 -8.10
C PHE A 286 1.47 -14.70 -7.87
N VAL A 287 1.62 -15.62 -6.97
CA VAL A 287 0.49 -16.48 -6.50
C VAL A 287 0.58 -16.56 -4.99
N PRO A 288 -0.50 -16.99 -4.31
CA PRO A 288 -0.43 -17.10 -2.88
C PRO A 288 0.60 -18.12 -2.42
N LYS A 289 1.29 -17.76 -1.36
CA LYS A 289 2.21 -18.65 -0.61
C LYS A 289 1.38 -19.80 -0.02
N LYS A 290 1.79 -21.05 -0.18
CA LYS A 290 1.00 -22.23 0.32
C LYS A 290 1.60 -22.73 1.65
C2 BGC B . 17.65 -13.38 -20.04
C3 BGC B . 17.56 -11.92 -20.19
C4 BGC B . 16.89 -11.37 -18.93
C5 BGC B . 17.55 -11.84 -17.65
C6 BGC B . 16.79 -11.43 -16.42
C1 BGC B . 18.36 -13.69 -18.70
O1 BGC B . 18.45 -15.07 -18.61
O2 BGC B . 18.43 -14.04 -21.08
O3 BGC B . 16.89 -11.69 -21.36
O4 BGC B . 17.06 -9.96 -18.95
O5 BGC B . 17.54 -13.25 -17.58
O6 BGC B . 17.56 -11.81 -15.28
H2 BGC B . 16.66 -13.83 -20.02
H3 BGC B . 18.57 -11.48 -20.28
H4 BGC B . 15.85 -11.72 -18.94
H5 BGC B . 18.59 -11.48 -17.60
H61 BGC B . 15.82 -11.94 -16.41
H62 BGC B . 16.63 -10.36 -16.43
H1 BGC B . 19.37 -13.26 -18.64
HO1 BGC B . 19.08 -15.30 -17.91
HO2 BGC B . 18.46 -14.99 -20.93
HO4 BGC B . 16.66 -9.60 -19.76
HO6 BGC B . 18.38 -12.23 -15.57
C2 BGC B . 16.90 -10.70 -23.57
C3 BGC B . 17.29 -9.49 -24.40
C4 BGC B . 16.86 -8.22 -23.73
C5 BGC B . 17.25 -8.21 -22.21
C6 BGC B . 16.63 -7.06 -21.45
C1 BGC B . 17.33 -10.58 -22.11
O2 BGC B . 17.53 -11.83 -24.13
O3 BGC B . 16.73 -9.71 -25.71
O4 BGC B . 17.48 -7.12 -24.18
O5 BGC B . 16.79 -9.39 -21.58
O6 BGC B . 17.10 -6.93 -20.09
H2 BGC B . 15.80 -10.79 -23.61
H3 BGC B . 18.39 -9.48 -24.50
H4 BGC B . 15.77 -8.15 -23.81
H5 BGC B . 18.35 -8.17 -22.13
H61 BGC B . 15.55 -7.20 -21.42
H62 BGC B . 16.86 -6.12 -21.97
H1 BGC B . 18.42 -10.52 -22.08
HO2 BGC B . 17.25 -12.62 -23.65
HO3 BGC B . 17.04 -10.55 -26.05
HO6 BGC B . 17.75 -7.62 -19.90
C2 BGC B . 17.41 -5.01 -25.27
C3 BGC B . 16.66 -4.14 -26.27
C4 BGC B . 16.59 -4.81 -27.62
C5 BGC B . 16.13 -6.26 -27.55
C6 BGC B . 16.64 -6.97 -28.81
C1 BGC B . 16.76 -6.32 -25.17
O2 BGC B . 17.53 -4.35 -24.02
O3 BGC B . 17.35 -2.89 -26.40
O4 BGC B . 15.74 -3.98 -28.45
O5 BGC B . 16.71 -7.01 -26.42
O6 BGC B . 15.69 -7.96 -29.06
H2 BGC B . 18.45 -5.16 -25.60
H3 BGC B . 15.63 -3.99 -25.90
H4 BGC B . 17.59 -4.77 -28.04
H5 BGC B . 15.04 -6.31 -27.49
H61 BGC B . 17.63 -7.39 -28.61
H62 BGC B . 16.70 -6.24 -29.63
H1 BGC B . 15.73 -6.15 -24.82
HO2 BGC B . 18.05 -4.90 -23.41
HO3 BGC B . 17.41 -2.46 -25.53
HO4 BGC B . 16.08 -3.07 -28.45
HO6 BGC B . 14.99 -7.92 -28.39
C GAI C . -18.77 -1.92 9.20
N1 GAI C . -17.57 -2.03 9.73
N2 GAI C . -19.43 -3.00 8.76
N3 GAI C . -19.37 -0.72 9.06
HN1 GAI C . -17.31 -2.92 9.74
HN21 GAI C . -19.08 -3.79 8.82
HN22 GAI C . -20.24 -2.90 8.41
HN31 GAI C . -18.95 0.01 9.33
HN32 GAI C . -20.17 -0.66 8.71
C GAI D . 16.19 0.00 1.50
N1 GAI D . 17.24 -0.79 1.60
N2 GAI D . 16.19 1.16 0.84
N3 GAI D . 15.00 -0.35 2.03
HN1 GAI D . 17.97 -0.42 1.16
HN21 GAI D . 16.94 1.44 0.45
HN22 GAI D . 15.46 1.65 0.80
HN31 GAI D . 14.91 -1.11 2.46
HN32 GAI D . 14.31 0.19 1.95
#